data_3LO0
#
_entry.id   3LO0
#
_cell.length_a   69.710
_cell.length_b   69.710
_cell.length_c   172.070
_cell.angle_alpha   90.00
_cell.angle_beta   90.00
_cell.angle_gamma   120.00
#
_symmetry.space_group_name_H-M   'H 3 2'
#
loop_
_entity.id
_entity.type
_entity.pdbx_description
1 polymer 'Inorganic pyrophosphatase'
2 non-polymer 'SULFATE ION'
3 water water
#
_entity_poly.entity_id   1
_entity_poly.type   'polypeptide(L)'
_entity_poly.pdbx_seq_one_letter_code
;MAHHHHHHMGTLEAQTQGPGSMNLDNVTGGDNVPKEINVIIEISQNSCPVKYEFDKEKNLFCVDRFLPTSMYYPCNYGFI
PHTCAGDGDPVDVLVASRFPVMSGAVIRARPVGVLVMHDESGEDVKILAVPTHKVDQYYNNIKDYSDFPVSFLNSISHFF
TFYKKLEEDKFVSVEGWKDVTVAEKLILSALIK
;
_entity_poly.pdbx_strand_id   A
#
loop_
_chem_comp.id
_chem_comp.type
_chem_comp.name
_chem_comp.formula
SO4 non-polymer 'SULFATE ION' 'O4 S -2'
#
# COMPACT_ATOMS: atom_id res chain seq x y z
N ASP A 25 9.20 1.87 16.87
CA ASP A 25 10.03 2.85 17.64
C ASP A 25 11.31 3.20 16.86
N ASN A 26 12.01 2.16 16.41
CA ASN A 26 13.27 2.34 15.68
C ASN A 26 13.14 2.36 14.14
N VAL A 27 11.90 2.43 13.62
CA VAL A 27 11.67 2.50 12.16
C VAL A 27 10.82 3.72 11.78
N THR A 28 11.28 4.47 10.77
CA THR A 28 10.63 5.70 10.30
C THR A 28 9.89 5.46 8.97
N GLY A 29 9.24 6.51 8.47
CA GLY A 29 8.45 6.44 7.29
C GLY A 29 9.21 6.34 5.98
N GLY A 30 10.52 6.49 6.02
CA GLY A 30 11.28 6.43 4.80
C GLY A 30 12.66 7.09 4.90
N ASP A 31 13.49 6.76 3.91
CA ASP A 31 14.88 7.25 3.86
C ASP A 31 14.85 8.71 3.38
N ASN A 32 13.93 8.90 2.46
CA ASN A 32 13.93 9.99 1.57
C ASN A 32 12.48 10.23 1.25
N VAL A 33 11.68 10.41 2.30
CA VAL A 33 10.27 10.75 2.10
C VAL A 33 10.17 12.08 1.31
N PRO A 34 9.25 12.17 0.36
CA PRO A 34 8.25 11.16 -0.03
C PRO A 34 8.69 10.33 -1.24
N LYS A 35 9.93 10.52 -1.72
CA LYS A 35 10.38 9.83 -2.92
C LYS A 35 10.59 8.35 -2.64
N GLU A 36 10.97 8.06 -1.41
CA GLU A 36 11.12 6.69 -0.94
C GLU A 36 10.49 6.59 0.42
N ILE A 37 9.77 5.47 0.59
CA ILE A 37 9.07 5.19 1.78
C ILE A 37 9.38 3.77 2.29
N ASN A 38 9.44 3.64 3.60
CA ASN A 38 9.45 2.35 4.22
C ASN A 38 8.03 1.88 4.36
N VAL A 39 7.77 0.66 3.95
CA VAL A 39 6.45 0.10 4.14
C VAL A 39 6.54 -1.18 4.97
N ILE A 40 5.77 -1.24 6.05
CA ILE A 40 5.68 -2.47 6.85
C ILE A 40 4.55 -3.27 6.28
N ILE A 41 4.87 -4.45 5.78
CA ILE A 41 3.88 -5.31 5.15
C ILE A 41 3.01 -5.99 6.21
N GLU A 42 1.70 -5.91 6.00
CA GLU A 42 0.74 -6.58 6.85
C GLU A 42 0.17 -7.85 6.23
N ILE A 43 -0.10 -7.79 4.93
CA ILE A 43 -0.71 -8.89 4.18
C ILE A 43 0.06 -9.11 2.87
N SER A 44 0.43 -10.36 2.62
CA SER A 44 1.22 -10.73 1.45
C SER A 44 0.32 -10.77 0.24
N GLN A 45 0.81 -10.40 -0.94
CA GLN A 45 -0.02 -10.58 -2.14
C GLN A 45 -0.21 -12.05 -2.42
N ASN A 46 -1.32 -12.35 -3.08
CA ASN A 46 -1.66 -13.72 -3.43
C ASN A 46 -1.68 -14.65 -2.18
N SER A 47 -2.02 -14.11 -1.02
CA SER A 47 -2.22 -14.91 0.19
C SER A 47 -3.68 -15.29 0.36
N CYS A 48 -3.97 -16.20 1.30
CA CYS A 48 -5.35 -16.55 1.68
C CYS A 48 -6.10 -15.28 2.12
N PRO A 49 -7.45 -15.27 2.10
CA PRO A 49 -8.15 -14.06 2.50
C PRO A 49 -8.09 -13.76 4.01
N VAL A 50 -6.90 -13.69 4.61
CA VAL A 50 -6.76 -13.29 6.04
C VAL A 50 -6.28 -11.85 6.17
N LYS A 51 -7.14 -10.97 6.68
CA LYS A 51 -6.76 -9.57 6.83
C LYS A 51 -6.00 -9.39 8.16
N TYR A 52 -4.67 -9.35 8.07
CA TYR A 52 -3.86 -9.07 9.26
C TYR A 52 -3.75 -7.58 9.40
N GLU A 53 -3.54 -7.13 10.64
CA GLU A 53 -3.41 -5.73 10.94
C GLU A 53 -2.45 -5.60 12.11
N PHE A 54 -1.50 -4.70 12.00
CA PHE A 54 -0.61 -4.42 13.11
C PHE A 54 -1.36 -3.64 14.19
N ASP A 55 -1.26 -4.11 15.43
CA ASP A 55 -1.98 -3.48 16.54
C ASP A 55 -0.94 -2.73 17.34
N LYS A 56 -1.02 -1.40 17.28
CA LYS A 56 -0.06 -0.52 17.96
C LYS A 56 0.00 -0.77 19.47
N GLU A 57 -1.17 -0.92 20.07
CA GLU A 57 -1.30 -1.11 21.52
C GLU A 57 -0.73 -2.44 22.01
N LYS A 58 -1.01 -3.50 21.26
CA LYS A 58 -0.49 -4.84 21.58
C LYS A 58 0.94 -5.01 21.09
N ASN A 59 1.32 -4.19 20.12
CA ASN A 59 2.62 -4.32 19.47
C ASN A 59 2.78 -5.70 18.80
N LEU A 60 1.68 -6.19 18.19
CA LEU A 60 1.62 -7.50 17.54
C LEU A 60 0.66 -7.47 16.34
N PHE A 61 0.85 -8.36 15.39
CA PHE A 61 -0.14 -8.56 14.31
C PHE A 61 -1.35 -9.32 14.84
N CYS A 62 -2.54 -8.89 14.43
CA CYS A 62 -3.80 -9.53 14.80
C CYS A 62 -4.56 -9.86 13.54
N VAL A 63 -5.37 -10.90 13.63
CA VAL A 63 -6.30 -11.23 12.58
C VAL A 63 -7.45 -10.23 12.72
N ASP A 64 -7.54 -9.27 11.80
CA ASP A 64 -8.69 -8.38 11.83
C ASP A 64 -9.93 -9.18 11.44
N ARG A 65 -9.86 -9.89 10.34
CA ARG A 65 -10.95 -10.72 9.91
C ARG A 65 -10.51 -11.65 8.79
N PHE A 66 -11.28 -12.70 8.61
CA PHE A 66 -11.26 -13.48 7.38
C PHE A 66 -12.22 -12.76 6.41
N LEU A 67 -11.78 -12.52 5.19
CA LEU A 67 -12.58 -11.75 4.24
C LEU A 67 -13.87 -12.51 3.91
N PRO A 68 -15.01 -11.79 3.89
CA PRO A 68 -16.28 -12.50 3.60
C PRO A 68 -16.45 -12.88 2.13
N THR A 69 -15.43 -12.55 1.34
CA THR A 69 -15.40 -12.73 -0.10
C THR A 69 -14.22 -13.67 -0.47
N SER A 70 -14.38 -14.49 -1.53
CA SER A 70 -13.27 -15.31 -2.06
C SER A 70 -12.34 -14.43 -2.91
N MET A 71 -11.70 -13.50 -2.21
CA MET A 71 -10.86 -12.47 -2.80
C MET A 71 -9.50 -12.54 -2.09
N TYR A 72 -8.46 -12.08 -2.76
CA TYR A 72 -7.16 -11.93 -2.09
C TYR A 72 -6.58 -10.56 -2.43
N TYR A 73 -5.71 -10.05 -1.57
CA TYR A 73 -5.06 -8.77 -1.82
C TYR A 73 -4.24 -8.82 -3.10
N PRO A 74 -4.45 -7.85 -4.01
CA PRO A 74 -3.81 -7.91 -5.32
C PRO A 74 -2.33 -7.52 -5.30
N CYS A 75 -1.88 -6.89 -4.22
CA CYS A 75 -0.48 -6.54 -4.03
C CYS A 75 -0.14 -6.72 -2.55
N ASN A 76 1.14 -6.73 -2.20
CA ASN A 76 1.49 -6.68 -0.78
C ASN A 76 0.88 -5.43 -0.22
N TYR A 77 0.29 -5.55 0.97
CA TYR A 77 -0.44 -4.47 1.53
C TYR A 77 0.05 -4.17 2.93
N GLY A 78 0.27 -2.90 3.23
CA GLY A 78 0.75 -2.54 4.57
C GLY A 78 0.67 -1.05 4.79
N PHE A 79 1.54 -0.52 5.62
CA PHE A 79 1.43 0.89 6.03
C PHE A 79 2.78 1.56 6.17
N ILE A 80 2.76 2.90 6.17
CA ILE A 80 4.00 3.65 6.41
C ILE A 80 4.07 4.01 7.88
N PRO A 81 5.09 3.49 8.59
CA PRO A 81 5.20 3.71 10.03
C PRO A 81 5.33 5.19 10.35
N HIS A 82 4.64 5.60 11.40
CA HIS A 82 4.67 7.01 11.86
C HIS A 82 4.07 8.00 10.90
N THR A 83 3.03 7.58 10.21
CA THR A 83 2.22 8.49 9.46
C THR A 83 0.88 8.55 10.15
N CYS A 84 0.15 9.63 9.90
CA CYS A 84 -1.15 9.83 10.47
C CYS A 84 -2.01 10.54 9.45
N ALA A 85 -2.85 9.75 8.79
CA ALA A 85 -3.79 10.27 7.81
C ALA A 85 -4.94 10.95 8.55
N GLY A 86 -6.01 11.26 7.85
CA GLY A 86 -7.11 12.05 8.41
C GLY A 86 -7.81 11.33 9.54
N ASP A 87 -8.15 10.07 9.26
CA ASP A 87 -8.71 9.11 10.22
C ASP A 87 -7.87 8.88 11.49
N GLY A 88 -6.69 9.50 11.57
CA GLY A 88 -5.77 9.19 12.66
C GLY A 88 -4.87 7.99 12.34
N ASP A 89 -5.25 7.16 11.36
CA ASP A 89 -4.53 5.91 11.01
C ASP A 89 -3.36 6.14 10.06
N PRO A 90 -2.36 5.23 10.10
CA PRO A 90 -1.22 5.38 9.17
C PRO A 90 -1.65 5.30 7.73
N VAL A 91 -0.82 5.84 6.82
CA VAL A 91 -1.08 5.77 5.38
C VAL A 91 -0.94 4.32 4.90
N ASP A 92 -1.94 3.83 4.18
CA ASP A 92 -1.88 2.45 3.64
C ASP A 92 -1.28 2.46 2.25
N VAL A 93 -0.54 1.39 1.98
CA VAL A 93 0.22 1.25 0.78
C VAL A 93 0.07 -0.16 0.19
N LEU A 94 -0.21 -0.19 -1.11
CA LEU A 94 -0.05 -1.39 -1.93
C LEU A 94 1.33 -1.40 -2.55
N VAL A 95 2.11 -2.45 -2.33
CA VAL A 95 3.40 -2.57 -2.97
C VAL A 95 3.34 -3.70 -3.98
N ALA A 96 3.41 -3.37 -5.25
CA ALA A 96 3.46 -4.39 -6.30
C ALA A 96 4.80 -5.09 -6.21
N SER A 97 4.83 -6.41 -6.39
CA SER A 97 6.08 -7.10 -6.37
C SER A 97 6.04 -8.40 -7.20
N ARG A 98 7.20 -8.97 -7.48
CA ARG A 98 7.27 -10.19 -8.31
C ARG A 98 6.93 -11.42 -7.47
N PHE A 99 7.13 -11.31 -6.16
CA PHE A 99 6.90 -12.41 -5.21
C PHE A 99 6.27 -11.84 -3.93
N PRO A 100 5.47 -12.64 -3.21
CA PRO A 100 4.91 -12.13 -1.95
C PRO A 100 5.99 -11.78 -0.95
N VAL A 101 5.76 -10.72 -0.17
CA VAL A 101 6.65 -10.35 0.92
C VAL A 101 5.96 -10.66 2.23
N MET A 102 6.69 -11.22 3.19
CA MET A 102 6.03 -11.68 4.40
C MET A 102 5.52 -10.53 5.27
N SER A 103 4.43 -10.80 5.98
CA SER A 103 3.93 -9.88 6.99
C SER A 103 5.03 -9.65 7.97
N GLY A 104 5.21 -8.39 8.36
CA GLY A 104 6.19 -8.01 9.33
C GLY A 104 7.46 -7.43 8.76
N ALA A 105 7.75 -7.73 7.48
CA ALA A 105 8.96 -7.27 6.84
C ALA A 105 8.83 -5.81 6.42
N VAL A 106 9.94 -5.06 6.48
CA VAL A 106 9.96 -3.71 5.91
C VAL A 106 10.48 -3.80 4.49
N ILE A 107 9.79 -3.15 3.57
CA ILE A 107 10.30 -2.99 2.22
C ILE A 107 10.43 -1.50 1.86
N ARG A 108 11.56 -1.18 1.24
CA ARG A 108 11.79 0.15 0.73
C ARG A 108 11.11 0.27 -0.63
N ALA A 109 10.18 1.21 -0.72
CA ALA A 109 9.35 1.35 -1.89
C ALA A 109 9.31 2.78 -2.37
N ARG A 110 8.76 2.98 -3.56
CA ARG A 110 8.53 4.33 -4.04
C ARG A 110 7.15 4.43 -4.61
N PRO A 111 6.44 5.48 -4.20
CA PRO A 111 5.08 5.63 -4.65
C PRO A 111 5.05 5.96 -6.12
N VAL A 112 4.02 5.50 -6.80
CA VAL A 112 3.81 5.87 -8.19
C VAL A 112 2.42 6.39 -8.48
N GLY A 113 1.56 6.42 -7.46
CA GLY A 113 0.18 6.81 -7.64
C GLY A 113 -0.60 6.56 -6.40
N VAL A 114 -1.89 6.89 -6.48
CA VAL A 114 -2.83 6.69 -5.38
C VAL A 114 -4.24 6.37 -5.92
N LEU A 115 -4.88 5.39 -5.30
CA LEU A 115 -6.22 5.03 -5.57
C LEU A 115 -7.08 5.76 -4.54
N VAL A 116 -7.98 6.59 -5.04
CA VAL A 116 -8.83 7.44 -4.20
C VAL A 116 -10.26 6.93 -4.17
N MET A 117 -10.77 6.68 -2.96
CA MET A 117 -12.13 6.12 -2.78
C MET A 117 -12.95 6.83 -1.69
N HIS A 118 -14.28 6.75 -1.81
CA HIS A 118 -15.19 7.25 -0.77
C HIS A 118 -15.91 6.06 -0.13
N ASP A 119 -16.03 6.07 1.20
CA ASP A 119 -16.73 5.00 1.92
C ASP A 119 -17.83 5.59 2.78
N GLU A 123 -13.52 9.93 2.72
CA GLU A 123 -12.55 9.55 1.70
C GLU A 123 -11.49 8.58 2.24
N ASP A 124 -11.03 7.65 1.40
CA ASP A 124 -10.11 6.57 1.79
C ASP A 124 -9.10 6.35 0.62
N VAL A 125 -7.83 6.67 0.81
CA VAL A 125 -6.83 6.53 -0.27
C VAL A 125 -5.86 5.38 -0.01
N LYS A 126 -5.38 4.73 -1.08
CA LYS A 126 -4.40 3.67 -0.99
C LYS A 126 -3.27 4.05 -1.93
N ILE A 127 -2.10 4.29 -1.37
CA ILE A 127 -0.91 4.52 -2.18
C ILE A 127 -0.56 3.26 -2.95
N LEU A 128 -0.20 3.41 -4.23
CA LEU A 128 0.38 2.34 -5.04
C LEU A 128 1.87 2.64 -5.18
N ALA A 129 2.71 1.67 -4.85
CA ALA A 129 4.15 1.86 -4.89
C ALA A 129 4.80 0.61 -5.44
N VAL A 130 6.07 0.76 -5.85
CA VAL A 130 6.85 -0.33 -6.33
C VAL A 130 8.14 -0.38 -5.56
N PRO A 131 8.79 -1.55 -5.55
CA PRO A 131 10.08 -1.63 -4.88
C PRO A 131 11.12 -0.69 -5.52
N THR A 132 12.03 -0.16 -4.71
CA THR A 132 13.05 0.72 -5.24
C THR A 132 14.03 -0.09 -6.07
N HIS A 133 14.82 0.62 -6.89
CA HIS A 133 15.71 -0.02 -7.84
C HIS A 133 16.73 -0.91 -7.14
N LYS A 134 17.08 -0.52 -5.92
CA LYS A 134 17.94 -1.30 -5.05
C LYS A 134 17.33 -2.66 -4.75
N VAL A 135 16.03 -2.70 -4.56
CA VAL A 135 15.33 -3.91 -4.14
C VAL A 135 14.92 -4.81 -5.31
N ASP A 136 14.36 -4.23 -6.36
CA ASP A 136 14.12 -4.97 -7.60
C ASP A 136 14.14 -4.03 -8.81
N GLN A 137 15.03 -4.29 -9.78
CA GLN A 137 15.07 -3.46 -10.97
C GLN A 137 13.95 -3.71 -11.97
N TYR A 138 13.13 -4.74 -11.74
CA TYR A 138 12.04 -5.04 -12.65
C TYR A 138 11.16 -3.83 -12.88
N TYR A 139 10.92 -3.05 -11.82
CA TYR A 139 9.95 -1.96 -11.85
C TYR A 139 10.57 -0.60 -12.17
N ASN A 140 11.86 -0.56 -12.54
CA ASN A 140 12.55 0.67 -12.91
C ASN A 140 11.75 1.55 -13.86
N ASN A 141 11.06 0.92 -14.81
CA ASN A 141 10.29 1.63 -15.83
C ASN A 141 8.89 2.08 -15.41
N ILE A 142 8.49 1.75 -14.19
CA ILE A 142 7.22 2.24 -13.65
C ILE A 142 7.54 3.51 -12.88
N LYS A 143 7.21 4.66 -13.47
CA LYS A 143 7.44 5.97 -12.82
C LYS A 143 6.12 6.62 -12.35
N ASP A 144 5.01 6.11 -12.87
CA ASP A 144 3.70 6.63 -12.57
C ASP A 144 2.75 5.45 -12.70
N TYR A 145 1.60 5.54 -12.02
CA TYR A 145 0.69 4.40 -11.97
C TYR A 145 0.25 3.97 -13.39
N SER A 146 0.09 4.95 -14.29
CA SER A 146 -0.37 4.69 -15.66
C SER A 146 0.64 3.89 -16.50
N ASP A 147 1.88 3.73 -16.00
CA ASP A 147 2.85 2.85 -16.64
C ASP A 147 2.55 1.38 -16.44
N PHE A 148 1.72 1.01 -15.45
CA PHE A 148 1.19 -0.34 -15.37
C PHE A 148 0.09 -0.61 -16.42
N PRO A 149 -0.09 -1.89 -16.80
CA PRO A 149 -1.25 -2.28 -17.62
C PRO A 149 -2.58 -1.85 -16.98
N VAL A 150 -3.52 -1.33 -17.76
CA VAL A 150 -4.82 -0.89 -17.23
C VAL A 150 -5.56 -2.06 -16.57
N SER A 151 -5.39 -3.26 -17.09
CA SER A 151 -6.03 -4.43 -16.50
C SER A 151 -5.60 -4.60 -15.04
N PHE A 152 -4.34 -4.31 -14.75
CA PHE A 152 -3.83 -4.42 -13.40
C PHE A 152 -4.47 -3.35 -12.48
N LEU A 153 -4.45 -2.11 -12.95
CA LEU A 153 -5.03 -1.01 -12.21
C LEU A 153 -6.48 -1.27 -11.93
N ASN A 154 -7.21 -1.77 -12.94
CA ASN A 154 -8.64 -2.04 -12.78
C ASN A 154 -8.91 -3.16 -11.76
N SER A 155 -8.02 -4.16 -11.75
CA SER A 155 -8.15 -5.25 -10.78
C SER A 155 -8.03 -4.73 -9.35
N ILE A 156 -7.13 -3.78 -9.14
CA ILE A 156 -6.96 -3.19 -7.83
C ILE A 156 -8.21 -2.44 -7.40
N SER A 157 -8.75 -1.58 -8.27
CA SER A 157 -9.91 -0.78 -7.85
C SER A 157 -11.15 -1.64 -7.61
N HIS A 158 -11.33 -2.69 -8.42
CA HIS A 158 -12.39 -3.69 -8.23
C HIS A 158 -12.32 -4.36 -6.85
N PHE A 159 -11.11 -4.75 -6.45
CA PHE A 159 -10.88 -5.40 -5.15
C PHE A 159 -11.42 -4.56 -4.03
N PHE A 160 -10.98 -3.29 -3.96
CA PHE A 160 -11.38 -2.44 -2.82
C PHE A 160 -12.83 -1.99 -2.83
N THR A 161 -13.46 -2.07 -4.00
CA THR A 161 -14.88 -1.77 -4.15
C THR A 161 -15.73 -2.91 -3.56
N PHE A 162 -15.38 -4.13 -3.96
CA PHE A 162 -16.26 -5.27 -3.79
C PHE A 162 -15.86 -6.23 -2.69
N TYR A 163 -14.71 -6.01 -2.07
CA TYR A 163 -14.34 -6.84 -0.92
C TYR A 163 -15.07 -6.38 0.33
N VAL A 172 -18.87 1.90 -0.61
CA VAL A 172 -17.61 1.92 -1.34
C VAL A 172 -17.77 2.51 -2.75
N SER A 173 -17.19 3.69 -2.95
CA SER A 173 -17.22 4.38 -4.23
C SER A 173 -15.79 4.76 -4.66
N VAL A 174 -15.40 4.32 -5.85
CA VAL A 174 -14.04 4.55 -6.34
C VAL A 174 -13.99 5.84 -7.16
N GLU A 175 -13.25 6.82 -6.66
CA GLU A 175 -13.08 8.10 -7.36
C GLU A 175 -12.11 8.01 -8.55
N GLY A 176 -11.12 7.12 -8.44
CA GLY A 176 -10.13 6.89 -9.52
C GLY A 176 -8.67 7.01 -9.07
N TRP A 177 -7.77 6.97 -10.05
CA TRP A 177 -6.35 7.05 -9.84
C TRP A 177 -5.88 8.48 -9.97
N LYS A 178 -4.87 8.81 -9.17
CA LYS A 178 -4.20 10.09 -9.26
C LYS A 178 -2.70 9.78 -9.27
N ASP A 179 -1.93 10.77 -9.72
CA ASP A 179 -0.56 10.56 -10.18
C ASP A 179 0.41 10.56 -9.01
N VAL A 180 1.65 10.25 -9.30
CA VAL A 180 2.71 10.14 -8.32
C VAL A 180 2.87 11.38 -7.41
N THR A 181 2.69 12.58 -7.97
CA THR A 181 2.84 13.84 -7.23
C THR A 181 1.78 13.98 -6.16
N VAL A 182 0.55 13.61 -6.51
CA VAL A 182 -0.55 13.64 -5.54
C VAL A 182 -0.25 12.66 -4.41
N ALA A 183 0.29 11.49 -4.76
CA ALA A 183 0.58 10.46 -3.77
C ALA A 183 1.64 10.97 -2.78
N GLU A 184 2.66 11.60 -3.32
CA GLU A 184 3.74 12.20 -2.55
C GLU A 184 3.25 13.28 -1.60
N LYS A 185 2.27 14.08 -2.06
CA LYS A 185 1.71 15.17 -1.28
C LYS A 185 0.88 14.60 -0.14
N LEU A 186 0.11 13.58 -0.46
CA LEU A 186 -0.62 12.86 0.60
C LEU A 186 0.33 12.29 1.65
N ILE A 187 1.46 11.72 1.22
CA ILE A 187 2.40 11.15 2.18
C ILE A 187 3.00 12.26 3.06
N LEU A 188 3.33 13.38 2.43
CA LEU A 188 3.89 14.51 3.19
C LEU A 188 2.91 15.05 4.21
N SER A 189 1.63 15.18 3.85
CA SER A 189 0.61 15.72 4.79
C SER A 189 0.36 14.78 5.97
N ALA A 190 0.69 13.50 5.80
CA ALA A 190 0.52 12.56 6.88
C ALA A 190 1.74 12.46 7.78
N LEU A 191 2.81 13.19 7.50
CA LEU A 191 4.02 13.05 8.32
C LEU A 191 3.83 13.81 9.65
S SO4 B . -7.93 -1.02 6.16
O1 SO4 B . -6.59 -1.28 5.65
O2 SO4 B . -8.95 -1.90 5.56
O3 SO4 B . -7.90 -1.21 7.63
O4 SO4 B . -8.35 0.35 5.81
#